data_7UN5
#
_entry.id   7UN5
#
_entity_poly.entity_id   1
_entity_poly.type   'polypeptide(L)'
_entity_poly.pdbx_seq_one_letter_code
;GWGQPHGGGWGQGGGTHSQWNKPSKPKTNMKHMAGAAAAGAVVGGLGGYVLGSAMSRPIIHF
;
_entity_poly.pdbx_strand_id   E,A,B,C,D,H,F,G,I,J
#
# COMPACT_ATOMS: atom_id res chain seq x y z
N GLY A 1 17.71 -4.90 32.51
CA GLY A 1 16.30 -5.16 32.28
C GLY A 1 16.04 -5.97 31.03
N TRP A 2 14.76 -6.23 30.75
CA TRP A 2 14.34 -7.01 29.60
C TRP A 2 13.34 -6.19 28.80
N GLY A 3 12.73 -6.80 27.80
CA GLY A 3 11.68 -6.16 27.02
C GLY A 3 11.80 -6.32 25.52
N GLN A 4 10.66 -6.61 24.88
CA GLN A 4 10.59 -6.78 23.44
C GLN A 4 9.47 -5.90 22.86
N PRO A 5 9.75 -4.61 22.68
CA PRO A 5 8.71 -3.70 22.21
C PRO A 5 8.35 -3.86 20.75
N HIS A 6 7.46 -4.80 20.43
CA HIS A 6 6.88 -4.86 19.10
C HIS A 6 6.20 -3.53 18.80
N GLY A 7 6.13 -3.19 17.51
CA GLY A 7 5.59 -1.88 17.15
C GLY A 7 5.10 -1.92 15.71
N GLY A 8 4.34 -0.89 15.36
CA GLY A 8 3.89 -0.68 13.99
C GLY A 8 2.59 -1.40 13.71
N GLY A 9 1.85 -0.84 12.76
CA GLY A 9 0.63 -1.48 12.26
C GLY A 9 0.96 -2.31 11.03
N TRP A 10 0.44 -3.53 11.01
CA TRP A 10 0.80 -4.49 9.99
C TRP A 10 -0.44 -5.17 9.46
N GLY A 11 -0.30 -5.80 8.30
CA GLY A 11 -1.41 -6.51 7.69
C GLY A 11 -1.37 -6.49 6.18
N GLN A 12 -2.34 -7.12 5.54
CA GLN A 12 -2.40 -7.12 4.09
C GLN A 12 -2.61 -5.70 3.57
N GLY A 13 -1.82 -5.32 2.58
CA GLY A 13 -1.92 -3.99 2.00
C GLY A 13 -2.17 -4.02 0.51
N GLY A 14 -3.02 -4.92 0.06
CA GLY A 14 -3.32 -5.05 -1.34
C GLY A 14 -2.65 -6.26 -1.94
N GLY A 15 -3.27 -6.80 -2.98
CA GLY A 15 -2.82 -8.02 -3.63
C GLY A 15 -3.73 -9.19 -3.33
N THR A 16 -3.30 -10.36 -3.78
CA THR A 16 -4.05 -11.60 -3.59
C THR A 16 -3.18 -12.58 -2.81
N HIS A 17 -3.79 -13.26 -1.84
CA HIS A 17 -3.08 -14.20 -0.99
C HIS A 17 -4.02 -15.36 -0.69
N SER A 18 -3.78 -16.51 -1.32
CA SER A 18 -4.61 -17.69 -1.16
C SER A 18 -3.81 -18.77 -0.44
N GLN A 19 -4.38 -19.34 0.61
CA GLN A 19 -3.74 -20.37 1.41
C GLN A 19 -4.62 -21.59 1.48
N TRP A 20 -4.07 -22.75 1.11
CA TRP A 20 -4.80 -24.01 1.13
C TRP A 20 -4.03 -25.02 1.97
N ASN A 21 -4.76 -25.89 2.65
CA ASN A 21 -4.14 -26.88 3.53
C ASN A 21 -5.04 -28.10 3.58
N LYS A 22 -4.61 -29.18 2.93
CA LYS A 22 -5.38 -30.43 2.90
C LYS A 22 -4.48 -31.62 3.22
N PRO A 23 -3.96 -31.71 4.44
CA PRO A 23 -3.29 -32.94 4.84
C PRO A 23 -4.31 -34.03 5.11
N SER A 24 -3.92 -35.28 4.86
CA SER A 24 -4.90 -36.39 4.99
C SER A 24 -4.89 -36.94 6.42
N LYS A 25 -3.77 -37.52 6.85
CA LYS A 25 -3.70 -38.16 8.16
C LYS A 25 -2.41 -37.76 8.87
N PRO A 26 -2.27 -36.49 9.22
CA PRO A 26 -1.11 -36.09 10.03
C PRO A 26 -1.17 -36.67 11.43
N LYS A 27 -0.01 -36.89 12.02
CA LYS A 27 0.08 -37.45 13.36
C LYS A 27 1.25 -36.84 14.10
N THR A 28 1.20 -36.95 15.43
CA THR A 28 2.25 -36.41 16.29
C THR A 28 2.17 -37.13 17.63
N ASN A 29 3.32 -37.40 18.25
CA ASN A 29 3.35 -38.10 19.52
C ASN A 29 4.54 -37.63 20.34
N MET A 30 4.33 -37.46 21.65
CA MET A 30 5.41 -37.25 22.60
C MET A 30 5.05 -37.98 23.89
N LYS A 31 5.88 -38.95 24.25
CA LYS A 31 5.56 -39.88 25.34
C LYS A 31 6.05 -39.37 26.69
N HIS A 32 7.36 -39.17 26.83
CA HIS A 32 7.96 -38.75 28.10
C HIS A 32 8.86 -37.56 27.87
N MET A 33 8.52 -36.42 28.46
CA MET A 33 9.33 -35.22 28.37
C MET A 33 9.46 -34.60 29.76
N ALA A 34 10.52 -33.83 29.95
CA ALA A 34 10.77 -33.18 31.22
C ALA A 34 11.72 -32.01 31.00
N GLY A 35 11.33 -30.84 31.47
CA GLY A 35 12.14 -29.64 31.35
C GLY A 35 11.37 -28.48 30.74
N ALA A 36 12.08 -27.37 30.62
CA ALA A 36 11.49 -26.14 30.12
C ALA A 36 11.18 -26.25 28.63
N ALA A 37 10.29 -25.38 28.17
CA ALA A 37 9.96 -25.27 26.75
C ALA A 37 9.32 -23.92 26.50
N ALA A 38 9.98 -23.09 25.72
CA ALA A 38 9.48 -21.75 25.41
C ALA A 38 9.44 -21.56 23.91
N ALA A 39 8.35 -20.97 23.42
CA ALA A 39 8.19 -20.73 21.99
C ALA A 39 7.54 -19.38 21.78
N GLY A 40 7.82 -18.79 20.62
CA GLY A 40 7.25 -17.51 20.28
C GLY A 40 5.90 -17.62 19.60
N ALA A 41 5.83 -18.42 18.55
CA ALA A 41 4.60 -18.61 17.79
C ALA A 41 4.59 -20.01 17.22
N VAL A 42 3.57 -20.79 17.58
CA VAL A 42 3.43 -22.17 17.14
C VAL A 42 2.19 -22.27 16.27
N VAL A 43 2.36 -22.77 15.06
CA VAL A 43 1.29 -22.84 14.07
C VAL A 43 1.08 -24.30 13.67
N GLY A 44 -0.09 -24.83 14.00
CA GLY A 44 -0.44 -26.18 13.58
C GLY A 44 -1.56 -26.19 12.57
N GLY A 45 -2.17 -25.01 12.36
CA GLY A 45 -3.23 -24.88 11.39
C GLY A 45 -2.82 -24.01 10.22
N LEU A 46 -3.66 -23.05 9.85
CA LEU A 46 -3.33 -22.16 8.73
C LEU A 46 -2.33 -21.09 9.15
N GLY A 47 -2.69 -20.31 10.17
CA GLY A 47 -1.83 -19.21 10.57
C GLY A 47 -2.32 -17.89 10.05
N GLY A 48 -1.73 -17.41 8.96
CA GLY A 48 -2.04 -16.08 8.47
C GLY A 48 -1.21 -15.04 9.19
N TYR A 49 -1.69 -13.80 9.25
CA TYR A 49 -0.92 -12.77 9.93
C TYR A 49 -0.96 -13.03 11.43
N VAL A 50 0.10 -13.64 11.96
CA VAL A 50 0.16 -14.07 13.35
C VAL A 50 1.40 -13.47 14.00
N LEU A 51 1.22 -12.89 15.18
CA LEU A 51 2.31 -12.36 15.98
C LEU A 51 2.26 -12.98 17.36
N GLY A 52 3.43 -13.21 17.96
CA GLY A 52 3.48 -13.84 19.26
C GLY A 52 4.77 -13.53 19.97
N SER A 53 4.72 -13.53 21.29
CA SER A 53 5.89 -13.26 22.11
C SER A 53 5.74 -13.99 23.42
N ALA A 54 6.87 -14.40 24.00
CA ALA A 54 6.84 -15.18 25.23
C ALA A 54 8.07 -14.83 26.07
N MET A 55 7.88 -14.84 27.38
CA MET A 55 8.89 -14.40 28.33
C MET A 55 8.79 -15.34 29.52
N SER A 56 9.90 -15.97 29.92
CA SER A 56 9.76 -17.03 30.90
C SER A 56 11.08 -17.32 31.61
N ARG A 57 11.04 -17.37 32.94
CA ARG A 57 12.17 -17.80 33.77
C ARG A 57 11.70 -18.79 34.82
N PRO A 58 11.35 -20.00 34.41
CA PRO A 58 10.93 -20.99 35.40
C PRO A 58 12.11 -21.50 36.21
N ILE A 59 11.81 -21.97 37.41
CA ILE A 59 12.78 -22.68 38.25
C ILE A 59 12.13 -23.98 38.66
N ILE A 60 12.63 -25.10 38.11
CA ILE A 60 12.06 -26.41 38.38
C ILE A 60 13.08 -27.24 39.12
N HIS A 61 12.65 -27.85 40.22
CA HIS A 61 13.53 -28.58 41.13
C HIS A 61 12.92 -29.95 41.40
N PHE A 62 13.42 -30.97 40.71
CA PHE A 62 12.95 -32.33 40.92
C PHE A 62 13.66 -32.98 42.10
N GLY B 1 9.57 -3.77 37.57
CA GLY B 1 8.15 -4.06 37.40
C GLY B 1 7.84 -4.81 36.12
N TRP B 2 6.54 -4.96 35.84
CA TRP B 2 6.06 -5.67 34.67
C TRP B 2 5.12 -4.77 33.89
N GLY B 3 4.42 -5.35 32.93
CA GLY B 3 3.40 -4.65 32.17
C GLY B 3 3.56 -4.83 30.68
N GLN B 4 2.45 -5.15 30.01
CA GLN B 4 2.42 -5.35 28.56
C GLN B 4 1.35 -4.43 27.96
N PRO B 5 1.66 -3.15 27.81
CA PRO B 5 0.65 -2.19 27.38
C PRO B 5 0.30 -2.27 25.91
N HIS B 6 -0.62 -3.17 25.56
CA HIS B 6 -1.20 -3.16 24.22
C HIS B 6 -1.82 -1.79 23.94
N GLY B 7 -1.90 -1.44 22.66
CA GLY B 7 -2.38 -0.11 22.32
C GLY B 7 -2.92 -0.11 20.90
N GLY B 8 -3.66 0.93 20.57
CA GLY B 8 -4.12 1.18 19.23
C GLY B 8 -5.44 0.47 18.92
N GLY B 9 -6.23 1.09 18.05
CA GLY B 9 -7.43 0.50 17.53
C GLY B 9 -7.11 -0.27 16.25
N TRP B 10 -7.63 -1.49 16.17
CA TRP B 10 -7.29 -2.39 15.08
C TRP B 10 -8.55 -3.02 14.52
N GLY B 11 -8.38 -3.76 13.43
CA GLY B 11 -9.50 -4.43 12.79
C GLY B 11 -9.44 -4.37 11.28
N GLN B 12 -10.43 -4.96 10.62
CA GLN B 12 -10.48 -4.92 9.17
C GLN B 12 -10.64 -3.48 8.68
N GLY B 13 -9.83 -3.10 7.70
CA GLY B 13 -9.87 -1.75 7.18
C GLY B 13 -10.12 -1.70 5.68
N GLY B 14 -11.00 -2.56 5.21
CA GLY B 14 -11.29 -2.61 3.78
C GLY B 14 -10.63 -3.80 3.13
N GLY B 15 -11.27 -4.31 2.09
CA GLY B 15 -10.83 -5.51 1.40
C GLY B 15 -11.77 -6.67 1.64
N THR B 16 -11.33 -7.84 1.19
CA THR B 16 -12.10 -9.07 1.33
C THR B 16 -11.26 -10.09 2.09
N HIS B 17 -11.89 -10.79 3.03
CA HIS B 17 -11.20 -11.78 3.85
C HIS B 17 -12.18 -12.91 4.12
N SER B 18 -11.98 -14.03 3.44
CA SER B 18 -12.85 -15.19 3.56
C SER B 18 -12.08 -16.32 4.24
N GLN B 19 -12.69 -16.92 5.26
CA GLN B 19 -12.07 -18.00 6.03
C GLN B 19 -13.00 -19.19 6.04
N TRP B 20 -12.48 -20.35 5.65
CA TRP B 20 -13.24 -21.59 5.61
C TRP B 20 -12.51 -22.64 6.43
N ASN B 21 -13.27 -23.55 7.03
CA ASN B 21 -12.68 -24.57 7.90
C ASN B 21 -13.61 -25.76 7.96
N LYS B 22 -13.23 -26.87 7.33
CA LYS B 22 -13.98 -28.13 7.40
C LYS B 22 -13.05 -29.29 7.67
N PRO B 23 -12.47 -29.37 8.87
CA PRO B 23 -11.78 -30.59 9.27
C PRO B 23 -12.79 -31.69 9.49
N SER B 24 -12.39 -32.92 9.15
CA SER B 24 -13.35 -34.02 9.16
C SER B 24 -13.48 -34.67 10.53
N LYS B 25 -12.40 -35.23 11.05
CA LYS B 25 -12.40 -35.89 12.35
C LYS B 25 -11.13 -35.56 13.12
N PRO B 26 -10.95 -34.29 13.50
CA PRO B 26 -9.78 -33.94 14.31
C PRO B 26 -9.86 -34.57 15.70
N LYS B 27 -8.70 -34.83 16.28
CA LYS B 27 -8.63 -35.43 17.60
C LYS B 27 -7.43 -34.86 18.35
N THR B 28 -7.48 -34.98 19.68
CA THR B 28 -6.43 -34.48 20.55
C THR B 28 -6.56 -35.18 21.90
N ASN B 29 -5.43 -35.61 22.46
CA ASN B 29 -5.43 -36.32 23.74
C ASN B 29 -4.30 -35.81 24.62
N MET B 30 -4.55 -35.78 25.92
CA MET B 30 -3.53 -35.51 26.94
C MET B 30 -3.87 -36.39 28.14
N LYS B 31 -2.94 -37.25 28.55
CA LYS B 31 -3.24 -38.23 29.58
C LYS B 31 -2.73 -37.82 30.97
N HIS B 32 -1.42 -37.60 31.10
CA HIS B 32 -0.82 -37.26 32.38
C HIS B 32 0.11 -36.07 32.20
N MET B 33 -0.22 -34.96 32.85
CA MET B 33 0.60 -33.76 32.79
C MET B 33 0.75 -33.20 34.20
N ALA B 34 1.83 -32.44 34.39
CA ALA B 34 2.09 -31.81 35.67
C ALA B 34 3.06 -30.66 35.48
N GLY B 35 2.71 -29.49 35.98
CA GLY B 35 3.55 -28.31 35.87
C GLY B 35 2.80 -27.14 35.26
N ALA B 36 3.52 -26.02 35.19
CA ALA B 36 2.94 -24.78 34.71
C ALA B 36 2.66 -24.85 33.21
N ALA B 37 1.77 -23.97 32.75
CA ALA B 37 1.44 -23.84 31.34
C ALA B 37 0.81 -22.49 31.11
N ALA B 38 1.48 -21.64 30.35
CA ALA B 38 1.00 -20.29 30.09
C ALA B 38 0.98 -20.04 28.59
N ALA B 39 -0.08 -19.37 28.13
CA ALA B 39 -0.24 -19.09 26.71
C ALA B 39 -0.87 -17.72 26.53
N GLY B 40 -0.58 -17.09 25.41
CA GLY B 40 -1.14 -15.80 25.10
C GLY B 40 -2.48 -15.88 24.42
N ALA B 41 -2.54 -16.58 23.29
CA ALA B 41 -3.76 -16.72 22.51
C ALA B 41 -3.80 -18.10 21.90
N VAL B 42 -4.82 -18.88 22.26
CA VAL B 42 -4.99 -20.24 21.77
C VAL B 42 -6.32 -20.31 21.05
N VAL B 43 -6.30 -20.75 19.80
CA VAL B 43 -7.52 -20.85 18.98
C VAL B 43 -7.62 -22.28 18.46
N GLY B 44 -8.84 -22.82 18.49
CA GLY B 44 -9.10 -24.13 17.93
C GLY B 44 -10.19 -24.06 16.89
N GLY B 45 -10.86 -22.92 16.81
CA GLY B 45 -11.90 -22.70 15.83
C GLY B 45 -11.40 -21.84 14.69
N LEU B 46 -12.20 -20.86 14.28
CA LEU B 46 -11.79 -20.00 13.17
C LEU B 46 -10.79 -18.96 13.63
N GLY B 47 -11.07 -18.27 14.73
CA GLY B 47 -10.20 -17.22 15.19
C GLY B 47 -10.64 -15.85 14.74
N GLY B 48 -10.04 -15.34 13.66
CA GLY B 48 -10.32 -14.00 13.22
C GLY B 48 -9.47 -12.99 13.97
N TYR B 49 -9.91 -11.75 14.04
CA TYR B 49 -9.14 -10.74 14.75
C TYR B 49 -9.18 -11.03 16.25
N VAL B 50 -8.13 -11.67 16.76
CA VAL B 50 -8.09 -12.12 18.15
C VAL B 50 -6.84 -11.56 18.80
N LEU B 51 -7.01 -10.95 19.97
CA LEU B 51 -5.92 -10.46 20.78
C LEU B 51 -6.00 -11.11 22.16
N GLY B 52 -4.84 -11.40 22.74
CA GLY B 52 -4.81 -12.06 24.04
C GLY B 52 -3.51 -11.79 24.76
N SER B 53 -3.58 -11.82 26.07
CA SER B 53 -2.41 -11.57 26.91
C SER B 53 -2.54 -12.40 28.18
N ALA B 54 -1.40 -12.64 28.83
CA ALA B 54 -1.41 -13.47 30.02
C ALA B 54 -0.20 -13.13 30.90
N MET B 55 -0.41 -13.20 32.21
CA MET B 55 0.64 -13.00 33.20
C MET B 55 0.38 -13.97 34.33
N SER B 56 1.42 -14.68 34.77
CA SER B 56 1.21 -15.71 35.78
C SER B 56 2.54 -16.07 36.43
N ARG B 57 2.54 -16.11 37.76
CA ARG B 57 3.71 -16.53 38.54
C ARG B 57 3.27 -17.56 39.57
N PRO B 58 2.87 -18.75 39.12
CA PRO B 58 2.41 -19.77 40.07
C PRO B 58 3.58 -20.33 40.86
N ILE B 59 3.27 -20.83 42.05
CA ILE B 59 4.20 -21.58 42.87
C ILE B 59 3.53 -22.89 43.25
N ILE B 60 4.03 -24.00 42.72
CA ILE B 60 3.45 -25.31 42.95
C ILE B 60 4.47 -26.16 43.69
N HIS B 61 4.04 -26.76 44.80
CA HIS B 61 4.91 -27.51 45.69
C HIS B 61 4.31 -28.90 45.90
N PHE B 62 4.71 -29.85 45.06
CA PHE B 62 4.24 -31.22 45.19
C PHE B 62 4.93 -31.92 46.37
N GLY C 1 13.49 -4.19 35.04
CA GLY C 1 12.13 -4.68 34.90
C GLY C 1 11.88 -5.45 33.63
N TRP C 2 10.60 -5.67 33.32
CA TRP C 2 10.18 -6.42 32.15
C TRP C 2 9.19 -5.59 31.34
N GLY C 3 8.57 -6.22 30.36
CA GLY C 3 7.50 -5.59 29.60
C GLY C 3 7.65 -5.72 28.09
N GLN C 4 6.52 -5.96 27.42
CA GLN C 4 6.48 -6.12 25.97
C GLN C 4 5.44 -5.17 25.40
N PRO C 5 5.77 -3.90 25.26
CA PRO C 5 4.77 -2.91 24.84
C PRO C 5 4.41 -3.02 23.37
N HIS C 6 3.48 -3.92 23.04
CA HIS C 6 2.88 -3.93 21.71
C HIS C 6 2.27 -2.57 21.41
N GLY C 7 2.14 -2.25 20.13
CA GLY C 7 1.65 -0.93 19.76
C GLY C 7 1.11 -0.97 18.34
N GLY C 8 0.38 0.08 17.99
CA GLY C 8 -0.08 0.30 16.64
C GLY C 8 -1.40 -0.40 16.36
N GLY C 9 -2.15 0.16 15.43
CA GLY C 9 -3.35 -0.45 14.92
C GLY C 9 -3.04 -1.25 13.67
N TRP C 10 -3.54 -2.47 13.62
CA TRP C 10 -3.18 -3.42 12.57
C TRP C 10 -4.43 -4.06 12.01
N GLY C 11 -4.24 -4.81 10.93
CA GLY C 11 -5.35 -5.51 10.31
C GLY C 11 -5.32 -5.44 8.79
N GLN C 12 -6.32 -6.03 8.16
CA GLN C 12 -6.39 -6.00 6.70
C GLN C 12 -6.58 -4.57 6.21
N GLY C 13 -5.80 -4.18 5.21
CA GLY C 13 -5.88 -2.85 4.65
C GLY C 13 -6.12 -2.84 3.16
N GLY C 14 -6.97 -3.74 2.69
CA GLY C 14 -7.27 -3.83 1.28
C GLY C 14 -6.62 -5.04 0.64
N GLY C 15 -7.29 -5.58 -0.37
CA GLY C 15 -6.85 -6.78 -1.05
C GLY C 15 -7.79 -7.94 -0.80
N THR C 16 -7.36 -9.11 -1.24
CA THR C 16 -8.12 -10.34 -1.08
C THR C 16 -7.28 -11.36 -0.33
N HIS C 17 -7.88 -12.01 0.66
CA HIS C 17 -7.19 -13.00 1.48
C HIS C 17 -8.17 -14.15 1.73
N SER C 18 -7.93 -15.28 1.07
CA SER C 18 -8.77 -16.46 1.20
C SER C 18 -7.97 -17.56 1.89
N GLN C 19 -8.55 -18.14 2.94
CA GLN C 19 -7.89 -19.18 3.71
C GLN C 19 -8.77 -20.41 3.76
N TRP C 20 -8.21 -21.56 3.39
CA TRP C 20 -8.94 -22.81 3.34
C TRP C 20 -8.20 -23.84 4.19
N ASN C 21 -8.96 -24.75 4.82
CA ASN C 21 -8.36 -25.72 5.72
C ASN C 21 -9.27 -26.94 5.78
N LYS C 22 -8.87 -28.03 5.13
CA LYS C 22 -9.63 -29.28 5.14
C LYS C 22 -8.70 -30.45 5.45
N PRO C 23 -8.18 -30.52 6.67
CA PRO C 23 -7.50 -31.75 7.10
C PRO C 23 -8.52 -32.84 7.37
N SER C 24 -8.13 -34.08 7.10
CA SER C 24 -9.09 -35.17 7.19
C SER C 24 -9.13 -35.80 8.58
N LYS C 25 -8.02 -36.38 9.03
CA LYS C 25 -7.96 -37.03 10.35
C LYS C 25 -6.66 -36.67 11.04
N PRO C 26 -6.49 -35.41 11.41
CA PRO C 26 -5.31 -35.04 12.22
C PRO C 26 -5.42 -35.62 13.62
N LYS C 27 -4.27 -35.87 14.23
CA LYS C 27 -4.21 -36.42 15.57
C LYS C 27 -3.04 -35.81 16.31
N THR C 28 -3.09 -35.89 17.64
CA THR C 28 -2.03 -35.34 18.49
C THR C 28 -2.15 -35.99 19.87
N ASN C 29 -1.09 -36.68 20.29
CA ASN C 29 -1.09 -37.37 21.57
C ASN C 29 0.12 -36.93 22.37
N MET C 30 -0.09 -36.70 23.67
CA MET C 30 1.00 -36.50 24.63
C MET C 30 0.63 -37.19 25.92
N LYS C 31 1.46 -38.14 26.35
CA LYS C 31 1.12 -39.03 27.45
C LYS C 31 1.64 -38.54 28.79
N HIS C 32 2.95 -38.39 28.93
CA HIS C 32 3.56 -38.01 30.20
C HIS C 32 4.48 -36.81 29.97
N MET C 33 4.17 -35.70 30.62
CA MET C 33 5.00 -34.51 30.56
C MET C 33 5.13 -33.93 31.96
N ALA C 34 6.20 -33.16 32.16
CA ALA C 34 6.44 -32.53 33.45
C ALA C 34 7.38 -31.35 33.25
N GLY C 35 6.97 -30.19 33.74
CA GLY C 35 7.78 -28.99 33.64
C GLY C 35 7.02 -27.83 33.00
N ALA C 36 7.68 -26.68 33.00
CA ALA C 36 7.08 -25.46 32.49
C ALA C 36 6.92 -25.53 30.97
N ALA C 37 6.00 -24.72 30.47
CA ALA C 37 5.78 -24.59 29.03
C ALA C 37 5.12 -23.25 28.77
N ALA C 38 5.81 -22.38 28.04
CA ALA C 38 5.32 -21.04 27.75
C ALA C 38 5.22 -20.83 26.26
N ALA C 39 4.14 -20.20 25.82
CA ALA C 39 3.92 -19.95 24.41
C ALA C 39 3.36 -18.56 24.22
N GLY C 40 3.65 -17.97 23.06
CA GLY C 40 3.14 -16.66 22.74
C GLY C 40 1.80 -16.70 22.07
N ALA C 41 1.69 -17.49 21.00
CA ALA C 41 0.44 -17.63 20.26
C ALA C 41 0.41 -19.01 19.63
N VAL C 42 -0.61 -19.79 19.95
CA VAL C 42 -0.77 -21.15 19.43
C VAL C 42 -2.04 -21.18 18.60
N VAL C 43 -1.94 -21.60 17.36
CA VAL C 43 -3.06 -21.65 16.44
C VAL C 43 -3.21 -23.08 15.93
N GLY C 44 -4.35 -23.70 16.22
CA GLY C 44 -4.61 -25.04 15.75
C GLY C 44 -5.73 -25.08 14.73
N GLY C 45 -6.42 -23.96 14.57
CA GLY C 45 -7.47 -23.85 13.58
C GLY C 45 -7.07 -22.95 12.43
N LEU C 46 -7.93 -22.00 12.08
CA LEU C 46 -7.60 -21.10 10.98
C LEU C 46 -6.61 -20.03 11.42
N GLY C 47 -6.95 -19.27 12.45
CA GLY C 47 -6.08 -18.20 12.88
C GLY C 47 -6.55 -16.85 12.40
N GLY C 48 -5.94 -16.35 11.33
CA GLY C 48 -6.23 -15.01 10.88
C GLY C 48 -5.36 -14.00 11.59
N TYR C 49 -5.80 -12.75 11.68
CA TYR C 49 -5.01 -11.75 12.38
C TYR C 49 -5.05 -12.04 13.88
N VAL C 50 -4.00 -12.67 14.38
CA VAL C 50 -3.94 -13.13 15.76
C VAL C 50 -2.71 -12.54 16.43
N LEU C 51 -2.89 -11.98 17.62
CA LEU C 51 -1.81 -11.45 18.42
C LEU C 51 -1.89 -12.03 19.82
N GLY C 52 -0.73 -12.34 20.40
CA GLY C 52 -0.70 -12.92 21.73
C GLY C 52 0.65 -12.71 22.39
N SER C 53 0.63 -12.67 23.71
CA SER C 53 1.84 -12.46 24.48
C SER C 53 1.68 -13.15 25.83
N ALA C 54 2.80 -13.53 26.43
CA ALA C 54 2.76 -14.25 27.70
C ALA C 54 4.05 -14.03 28.47
N MET C 55 3.91 -13.83 29.78
CA MET C 55 5.02 -13.60 30.69
C MET C 55 4.79 -14.50 31.90
N SER C 56 5.81 -15.27 32.29
CA SER C 56 5.58 -16.25 33.34
C SER C 56 6.88 -16.61 34.03
N ARG C 57 6.84 -16.68 35.36
CA ARG C 57 7.98 -17.11 36.17
C ARG C 57 7.51 -18.13 37.21
N PRO C 58 7.14 -19.33 36.78
CA PRO C 58 6.70 -20.35 37.75
C PRO C 58 7.88 -20.88 38.54
N ILE C 59 7.56 -21.43 39.72
CA ILE C 59 8.53 -22.11 40.57
C ILE C 59 7.88 -23.41 41.00
N ILE C 60 8.39 -24.52 40.50
CA ILE C 60 7.79 -25.83 40.74
C ILE C 60 8.83 -26.71 41.43
N HIS C 61 8.40 -27.42 42.47
CA HIS C 61 9.32 -28.04 43.41
C HIS C 61 8.92 -29.49 43.73
N PHE C 62 8.70 -30.30 42.69
CA PHE C 62 8.45 -31.74 42.87
C PHE C 62 9.25 -32.37 43.99
N GLY D 1 21.57 -5.28 29.89
CA GLY D 1 20.29 -5.95 29.83
C GLY D 1 20.08 -6.74 28.57
N TRP D 2 18.81 -7.07 28.28
CA TRP D 2 18.44 -7.86 27.12
C TRP D 2 17.40 -7.08 26.32
N GLY D 3 16.81 -7.75 25.33
CA GLY D 3 15.73 -7.16 24.56
C GLY D 3 15.86 -7.33 23.06
N GLN D 4 14.71 -7.53 22.40
CA GLN D 4 14.64 -7.71 20.95
C GLN D 4 13.59 -6.76 20.39
N PRO D 5 13.92 -5.49 20.23
CA PRO D 5 12.92 -4.51 19.77
C PRO D 5 12.55 -4.65 18.31
N HIS D 6 11.64 -5.57 18.00
CA HIS D 6 11.04 -5.61 16.68
C HIS D 6 10.40 -4.27 16.36
N GLY D 7 10.22 -3.98 15.07
CA GLY D 7 9.67 -2.70 14.67
C GLY D 7 9.14 -2.79 13.26
N GLY D 8 8.42 -1.75 12.86
CA GLY D 8 7.98 -1.59 11.50
C GLY D 8 6.66 -2.31 11.22
N GLY D 9 5.91 -1.76 10.28
CA GLY D 9 4.72 -2.41 9.77
C GLY D 9 5.07 -3.25 8.55
N TRP D 10 4.52 -4.45 8.51
CA TRP D 10 4.88 -5.41 7.48
C TRP D 10 3.62 -6.07 6.94
N GLY D 11 3.79 -6.87 5.89
CA GLY D 11 2.67 -7.57 5.30
C GLY D 11 2.71 -7.57 3.79
N GLN D 12 1.72 -8.20 3.16
CA GLN D 12 1.66 -8.23 1.71
C GLN D 12 1.43 -6.82 1.17
N GLY D 13 2.21 -6.46 0.16
CA GLY D 13 2.12 -5.15 -0.44
C GLY D 13 1.85 -5.19 -1.93
N GLY D 14 1.00 -6.10 -2.36
CA GLY D 14 0.67 -6.23 -3.77
C GLY D 14 1.35 -7.44 -4.40
N GLY D 15 0.67 -8.04 -5.36
CA GLY D 15 1.14 -9.23 -6.03
C GLY D 15 0.23 -10.41 -5.76
N THR D 16 0.70 -11.59 -6.17
CA THR D 16 -0.03 -12.84 -5.99
C THR D 16 0.84 -13.81 -5.20
N HIS D 17 0.25 -14.47 -4.20
CA HIS D 17 0.97 -15.42 -3.36
C HIS D 17 0.02 -16.58 -3.08
N SER D 18 0.28 -17.72 -3.70
CA SER D 18 -0.54 -18.92 -3.55
C SER D 18 0.26 -19.98 -2.83
N GLN D 19 -0.31 -20.56 -1.79
CA GLN D 19 0.36 -21.58 -0.98
C GLN D 19 -0.53 -22.82 -0.89
N TRP D 20 0.02 -23.96 -1.30
CA TRP D 20 -0.70 -25.22 -1.33
C TRP D 20 0.07 -26.23 -0.48
N ASN D 21 -0.66 -27.10 0.20
CA ASN D 21 0.00 -28.02 1.14
C ASN D 21 -0.87 -29.27 1.29
N LYS D 22 -0.45 -30.38 0.71
CA LYS D 22 -1.15 -31.66 0.84
C LYS D 22 -0.16 -32.77 1.16
N PRO D 23 0.41 -32.78 2.37
CA PRO D 23 1.12 -33.96 2.82
C PRO D 23 0.13 -35.08 3.11
N SER D 24 0.56 -36.32 2.84
CA SER D 24 -0.38 -37.42 2.93
C SER D 24 -0.44 -38.01 4.34
N LYS D 25 0.66 -38.57 4.83
CA LYS D 25 0.72 -39.16 6.16
C LYS D 25 2.00 -38.76 6.87
N PRO D 26 2.16 -37.47 7.16
CA PRO D 26 3.33 -37.05 7.95
C PRO D 26 3.24 -37.57 9.38
N LYS D 27 4.41 -37.83 9.96
CA LYS D 27 4.48 -38.33 11.32
C LYS D 27 5.65 -37.69 12.04
N THR D 28 5.62 -37.75 13.37
CA THR D 28 6.66 -37.17 14.20
C THR D 28 6.58 -37.79 15.59
N ASN D 29 7.67 -38.45 16.01
CA ASN D 29 7.70 -39.10 17.32
C ASN D 29 8.91 -38.62 18.10
N MET D 30 8.72 -38.36 19.39
CA MET D 30 9.80 -38.16 20.33
C MET D 30 9.43 -38.82 21.63
N LYS D 31 10.29 -39.73 22.12
CA LYS D 31 9.96 -40.62 23.22
C LYS D 31 10.46 -40.09 24.57
N HIS D 32 11.76 -39.87 24.70
CA HIS D 32 12.36 -39.44 25.95
C HIS D 32 13.25 -38.23 25.70
N MET D 33 12.91 -37.10 26.31
CA MET D 33 13.71 -35.89 26.20
C MET D 33 13.85 -35.26 27.57
N ALA D 34 14.91 -34.46 27.73
CA ALA D 34 15.16 -33.78 28.99
C ALA D 34 16.06 -32.58 28.73
N GLY D 35 15.68 -31.44 29.27
CA GLY D 35 16.45 -30.23 29.14
C GLY D 35 15.67 -29.10 28.48
N ALA D 36 16.31 -27.94 28.45
CA ALA D 36 15.70 -26.74 27.91
C ALA D 36 15.50 -26.85 26.41
N ALA D 37 14.56 -26.06 25.89
CA ALA D 37 14.30 -25.98 24.46
C ALA D 37 13.62 -24.67 24.17
N ALA D 38 14.27 -23.81 23.40
CA ALA D 38 13.75 -22.48 23.08
C ALA D 38 13.66 -22.32 21.58
N ALA D 39 12.55 -21.74 21.11
CA ALA D 39 12.33 -21.53 19.70
C ALA D 39 11.73 -20.16 19.47
N GLY D 40 12.00 -19.60 18.29
CA GLY D 40 11.46 -18.31 17.93
C GLY D 40 10.11 -18.39 17.25
N ALA D 41 10.02 -19.22 16.22
CA ALA D 41 8.78 -19.39 15.47
C ALA D 41 8.77 -20.80 14.88
N VAL D 42 7.75 -21.58 15.22
CA VAL D 42 7.62 -22.95 14.76
C VAL D 42 6.30 -23.06 14.01
N VAL D 43 6.37 -23.58 12.79
CA VAL D 43 5.19 -23.74 11.94
C VAL D 43 5.13 -25.18 11.48
N GLY D 44 3.96 -25.81 11.64
CA GLY D 44 3.76 -27.16 11.16
C GLY D 44 2.65 -27.22 10.13
N GLY D 45 1.93 -26.10 9.98
CA GLY D 45 0.88 -26.00 9.00
C GLY D 45 1.29 -25.12 7.83
N LEU D 46 0.50 -24.09 7.55
CA LEU D 46 0.82 -23.20 6.44
C LEU D 46 1.77 -22.08 6.89
N GLY D 47 1.38 -21.33 7.91
CA GLY D 47 2.19 -20.22 8.34
C GLY D 47 1.70 -18.91 7.77
N GLY D 48 2.34 -18.44 6.70
CA GLY D 48 2.02 -17.14 6.15
C GLY D 48 2.91 -16.08 6.77
N TYR D 49 2.39 -14.86 6.91
CA TYR D 49 3.17 -13.82 7.58
C TYR D 49 3.16 -14.07 9.09
N VAL D 50 4.23 -14.67 9.60
CA VAL D 50 4.32 -15.06 11.00
C VAL D 50 5.53 -14.40 11.63
N LEU D 51 5.34 -13.81 12.80
CA LEU D 51 6.41 -13.22 13.57
C LEU D 51 6.34 -13.75 14.99
N GLY D 52 7.51 -14.05 15.57
CA GLY D 52 7.55 -14.60 16.91
C GLY D 52 8.90 -14.40 17.55
N SER D 53 8.90 -14.26 18.87
CA SER D 53 10.12 -14.04 19.63
C SER D 53 9.99 -14.72 20.97
N ALA D 54 11.12 -15.06 21.57
CA ALA D 54 11.12 -15.77 22.84
C ALA D 54 12.37 -15.42 23.63
N MET D 55 12.21 -15.28 24.94
CA MET D 55 13.28 -14.98 25.87
C MET D 55 13.10 -15.89 27.09
N SER D 56 14.16 -16.60 27.47
CA SER D 56 13.97 -17.61 28.49
C SER D 56 15.29 -17.92 29.19
N ARG D 57 15.26 -17.95 30.52
CA ARG D 57 16.39 -18.37 31.35
C ARG D 57 15.93 -19.34 32.41
N PRO D 58 15.53 -20.55 32.01
CA PRO D 58 15.11 -21.54 33.02
C PRO D 58 16.30 -22.06 33.81
N ILE D 59 16.01 -22.55 35.01
CA ILE D 59 16.98 -23.21 35.86
C ILE D 59 16.37 -24.52 36.30
N ILE D 60 17.01 -25.64 35.93
CA ILE D 60 16.47 -26.96 36.22
C ILE D 60 17.53 -27.75 36.98
N HIS D 61 17.09 -28.47 38.01
CA HIS D 61 18.01 -29.06 38.97
C HIS D 61 17.64 -30.52 39.24
N PHE D 62 17.44 -31.30 38.18
CA PHE D 62 17.16 -32.73 38.31
C PHE D 62 17.98 -33.42 39.41
N GLY E 1 25.84 -5.67 27.33
CA GLY E 1 24.61 -6.46 27.34
C GLY E 1 24.36 -7.22 26.05
N TRP E 2 23.11 -7.54 25.80
CA TRP E 2 22.71 -8.30 24.62
C TRP E 2 21.70 -7.48 23.82
N GLY E 3 21.10 -8.12 22.81
CA GLY E 3 20.07 -7.50 22.01
C GLY E 3 20.12 -7.88 20.54
N GLN E 4 18.94 -8.15 19.97
CA GLN E 4 18.80 -8.48 18.55
C GLN E 4 17.70 -7.62 17.95
N PRO E 5 17.99 -6.35 17.69
CA PRO E 5 16.94 -5.43 17.23
C PRO E 5 16.56 -5.60 15.77
N HIS E 6 15.65 -6.51 15.47
CA HIS E 6 15.07 -6.57 14.14
C HIS E 6 14.37 -5.24 13.83
N GLY E 7 14.26 -4.93 12.55
CA GLY E 7 13.68 -3.64 12.17
C GLY E 7 13.18 -3.72 10.74
N GLY E 8 12.40 -2.71 10.37
CA GLY E 8 11.97 -2.52 9.00
C GLY E 8 10.70 -3.30 8.66
N GLY E 9 9.99 -2.79 7.66
CA GLY E 9 8.84 -3.49 7.11
C GLY E 9 9.29 -4.45 6.02
N TRP E 10 8.50 -5.49 5.80
CA TRP E 10 8.86 -6.52 4.85
C TRP E 10 7.60 -7.22 4.37
N GLY E 11 7.75 -7.97 3.27
CA GLY E 11 6.63 -8.69 2.70
C GLY E 11 6.67 -8.70 1.19
N GLN E 12 5.69 -9.34 0.57
CA GLN E 12 5.64 -9.37 -0.88
C GLN E 12 5.44 -7.97 -1.43
N GLY E 13 6.24 -7.62 -2.44
CA GLY E 13 6.15 -6.31 -3.04
C GLY E 13 5.91 -6.36 -4.54
N GLY E 14 5.05 -7.28 -4.96
CA GLY E 14 4.75 -7.43 -6.37
C GLY E 14 5.42 -8.66 -6.95
N GLY E 15 4.78 -9.25 -7.94
CA GLY E 15 5.24 -10.46 -8.56
C GLY E 15 4.37 -11.65 -8.19
N THR E 16 4.75 -12.82 -8.70
CA THR E 16 4.04 -14.06 -8.46
C THR E 16 4.95 -15.01 -7.69
N HIS E 17 4.41 -15.60 -6.63
CA HIS E 17 5.16 -16.51 -5.77
C HIS E 17 4.26 -17.67 -5.41
N SER E 18 4.53 -18.84 -5.99
CA SER E 18 3.73 -20.03 -5.78
C SER E 18 4.55 -21.08 -5.03
N GLN E 19 3.95 -21.65 -3.99
CA GLN E 19 4.61 -22.67 -3.19
C GLN E 19 3.72 -23.90 -3.10
N TRP E 20 4.27 -25.05 -3.46
CA TRP E 20 3.54 -26.32 -3.42
C TRP E 20 4.33 -27.28 -2.56
N ASN E 21 3.63 -28.22 -1.92
CA ASN E 21 4.27 -29.18 -1.03
C ASN E 21 3.38 -30.40 -0.89
N LYS E 22 3.79 -31.51 -1.48
CA LYS E 22 3.08 -32.78 -1.36
C LYS E 22 4.05 -33.90 -1.05
N PRO E 23 4.64 -33.92 0.15
CA PRO E 23 5.44 -35.07 0.56
C PRO E 23 4.56 -36.29 0.76
N SER E 24 5.14 -37.46 0.51
CA SER E 24 4.35 -38.68 0.50
C SER E 24 4.11 -39.22 1.92
N LYS E 25 5.17 -39.63 2.60
CA LYS E 25 5.06 -40.18 3.96
C LYS E 25 6.28 -39.77 4.76
N PRO E 26 6.46 -38.47 5.01
CA PRO E 26 7.61 -38.03 5.80
C PRO E 26 7.54 -38.56 7.22
N LYS E 27 8.70 -38.82 7.80
CA LYS E 27 8.80 -39.35 9.15
C LYS E 27 9.96 -38.70 9.88
N THR E 28 9.92 -38.79 11.20
CA THR E 28 10.96 -38.22 12.05
C THR E 28 10.89 -38.92 13.40
N ASN E 29 12.06 -39.20 13.99
CA ASN E 29 12.12 -39.87 15.27
C ASN E 29 13.35 -39.40 16.04
N MET E 30 13.17 -39.13 17.33
CA MET E 30 14.26 -38.86 18.25
C MET E 30 13.93 -39.52 19.59
N LYS E 31 14.74 -40.50 19.98
CA LYS E 31 14.41 -41.39 21.09
C LYS E 31 14.90 -40.85 22.43
N HIS E 32 16.21 -40.66 22.59
CA HIS E 32 16.78 -40.20 23.84
C HIS E 32 17.66 -39.00 23.57
N MET E 33 17.32 -37.86 24.16
CA MET E 33 18.10 -36.64 24.02
C MET E 33 18.20 -35.95 25.37
N ALA E 34 19.24 -35.13 25.52
CA ALA E 34 19.46 -34.42 26.77
C ALA E 34 20.40 -33.25 26.51
N GLY E 35 20.00 -32.06 26.95
CA GLY E 35 20.81 -30.88 26.79
C GLY E 35 20.03 -29.73 26.18
N ALA E 36 20.71 -28.59 26.09
CA ALA E 36 20.12 -27.38 25.56
C ALA E 36 19.83 -27.51 24.07
N ALA E 37 18.89 -26.70 23.60
CA ALA E 37 18.55 -26.65 22.17
C ALA E 37 17.83 -25.35 21.90
N ALA E 38 18.45 -24.49 21.07
CA ALA E 38 17.88 -23.20 20.74
C ALA E 38 17.87 -23.03 19.23
N ALA E 39 16.76 -22.53 18.70
CA ALA E 39 16.61 -22.33 17.27
C ALA E 39 15.92 -21.00 17.02
N GLY E 40 16.26 -20.38 15.89
CA GLY E 40 15.66 -19.12 15.53
C GLY E 40 14.31 -19.26 14.88
N ALA E 41 14.25 -20.03 13.78
CA ALA E 41 13.01 -20.24 13.06
C ALA E 41 13.01 -21.66 12.52
N VAL E 42 11.99 -22.44 12.87
CA VAL E 42 11.86 -23.83 12.45
C VAL E 42 10.61 -23.95 11.61
N VAL E 43 10.75 -24.51 10.42
CA VAL E 43 9.66 -24.64 9.47
C VAL E 43 9.45 -26.11 9.17
N GLY E 44 8.23 -26.60 9.39
CA GLY E 44 7.90 -27.98 9.10
C GLY E 44 6.84 -28.09 8.03
N GLY E 45 6.12 -27.01 7.79
CA GLY E 45 5.10 -26.97 6.76
C GLY E 45 5.52 -26.12 5.59
N LEU E 46 4.67 -25.17 5.19
CA LEU E 46 5.00 -24.31 4.05
C LEU E 46 5.97 -23.21 4.48
N GLY E 47 5.58 -22.42 5.46
CA GLY E 47 6.42 -21.31 5.86
C GLY E 47 5.92 -19.99 5.31
N GLY E 48 6.54 -19.51 4.24
CA GLY E 48 6.20 -18.20 3.69
C GLY E 48 7.03 -17.14 4.36
N TYR E 49 6.53 -15.91 4.41
CA TYR E 49 7.27 -14.83 5.05
C TYR E 49 7.26 -15.05 6.56
N VAL E 50 8.31 -15.68 7.08
CA VAL E 50 8.37 -16.07 8.49
C VAL E 50 9.60 -15.43 9.11
N LEU E 51 9.40 -14.74 10.22
CA LEU E 51 10.48 -14.15 11.00
C LEU E 51 10.42 -14.71 12.41
N GLY E 52 11.59 -14.99 12.97
CA GLY E 52 11.65 -15.55 14.32
C GLY E 52 12.97 -15.25 14.97
N SER E 53 12.94 -15.11 16.29
CA SER E 53 14.14 -14.83 17.06
C SER E 53 14.04 -15.53 18.40
N ALA E 54 15.18 -15.98 18.90
CA ALA E 54 15.22 -16.71 20.16
C ALA E 54 16.40 -16.22 20.97
N MET E 55 16.27 -16.26 22.29
CA MET E 55 17.27 -15.74 23.19
C MET E 55 17.19 -16.50 24.49
N SER E 56 18.20 -17.31 24.80
CA SER E 56 18.08 -18.23 25.92
C SER E 56 19.45 -18.52 26.51
N ARG E 57 19.54 -18.42 27.83
CA ARG E 57 20.74 -18.79 28.58
C ARG E 57 20.33 -19.63 29.78
N PRO E 58 19.92 -20.88 29.56
CA PRO E 58 19.48 -21.72 30.67
C PRO E 58 20.67 -22.28 31.45
N ILE E 59 20.36 -22.78 32.65
CA ILE E 59 21.31 -23.53 33.46
C ILE E 59 20.64 -24.84 33.83
N ILE E 60 21.22 -25.96 33.41
CA ILE E 60 20.68 -27.28 33.68
C ILE E 60 21.71 -28.08 34.44
N HIS E 61 21.29 -28.69 35.55
CA HIS E 61 22.18 -29.39 36.47
C HIS E 61 21.56 -30.74 36.81
N PHE E 62 22.15 -31.80 36.26
CA PHE E 62 21.68 -33.15 36.54
C PHE E 62 22.35 -33.72 37.78
N GLY F 1 11.96 38.62 -11.93
CA GLY F 1 12.58 37.33 -12.14
C GLY F 1 11.66 36.15 -11.86
N TRP F 2 11.53 35.27 -12.83
CA TRP F 2 10.66 34.11 -12.76
C TRP F 2 11.43 32.92 -12.18
N GLY F 3 10.83 31.75 -12.28
CA GLY F 3 11.45 30.52 -11.80
C GLY F 3 10.45 29.50 -11.30
N GLN F 4 10.71 28.22 -11.59
CA GLN F 4 9.80 27.17 -11.12
C GLN F 4 10.57 25.89 -10.80
N PRO F 5 11.33 25.85 -9.72
CA PRO F 5 12.08 24.65 -9.38
C PRO F 5 11.17 23.49 -9.03
N HIS F 6 11.61 22.29 -9.39
CA HIS F 6 10.93 21.06 -9.02
C HIS F 6 11.88 20.20 -8.20
N GLY F 7 11.34 19.49 -7.22
CA GLY F 7 12.16 18.75 -6.27
C GLY F 7 12.35 17.31 -6.74
N GLY F 8 12.83 16.47 -5.84
CA GLY F 8 13.44 15.20 -6.17
C GLY F 8 12.57 14.11 -6.75
N GLY F 9 13.07 12.87 -6.66
CA GLY F 9 12.50 11.78 -7.41
C GLY F 9 11.10 11.39 -6.94
N TRP F 10 10.17 11.37 -7.87
CA TRP F 10 8.84 10.82 -7.69
C TRP F 10 8.78 9.45 -8.34
N GLY F 11 7.60 8.85 -8.32
CA GLY F 11 7.41 7.57 -8.97
C GLY F 11 6.76 6.53 -8.09
N GLN F 12 6.15 5.53 -8.70
CA GLN F 12 5.47 4.48 -7.96
C GLN F 12 6.46 3.72 -7.08
N GLY F 13 6.08 3.53 -5.83
CA GLY F 13 6.88 2.74 -4.91
C GLY F 13 6.02 1.90 -4.01
N GLY F 14 4.80 1.57 -4.47
CA GLY F 14 3.83 0.89 -3.64
C GLY F 14 3.13 -0.27 -4.29
N GLY F 15 1.81 -0.25 -4.33
CA GLY F 15 1.04 -1.40 -4.74
C GLY F 15 0.76 -1.50 -6.22
N THR F 16 -0.52 -1.59 -6.58
CA THR F 16 -0.95 -1.89 -7.94
C THR F 16 -1.68 -0.71 -8.53
N HIS F 17 -1.41 -0.42 -9.80
CA HIS F 17 -2.05 0.68 -10.53
C HIS F 17 -2.32 0.21 -11.94
N SER F 18 -3.60 0.13 -12.30
CA SER F 18 -4.03 -0.36 -13.60
C SER F 18 -4.88 0.68 -14.30
N GLN F 19 -4.66 0.84 -15.60
CA GLN F 19 -5.37 1.87 -16.38
C GLN F 19 -5.81 1.29 -17.71
N TRP F 20 -7.12 1.20 -17.92
CA TRP F 20 -7.71 0.81 -19.19
C TRP F 20 -8.31 2.05 -19.83
N ASN F 21 -8.22 2.15 -21.16
CA ASN F 21 -8.60 3.38 -21.86
C ASN F 21 -9.05 2.98 -23.26
N LYS F 22 -10.37 2.84 -23.45
CA LYS F 22 -10.93 2.35 -24.71
C LYS F 22 -12.08 3.23 -25.18
N PRO F 23 -11.79 4.45 -25.63
CA PRO F 23 -12.81 5.25 -26.31
C PRO F 23 -13.15 4.64 -27.65
N SER F 24 -14.38 4.86 -28.11
CA SER F 24 -14.81 4.26 -29.37
C SER F 24 -14.56 5.18 -30.56
N LYS F 25 -15.18 6.35 -30.59
CA LYS F 25 -15.03 7.29 -31.69
C LYS F 25 -14.97 8.73 -31.18
N PRO F 26 -13.94 9.07 -30.41
CA PRO F 26 -13.80 10.46 -29.96
C PRO F 26 -13.34 11.34 -31.11
N LYS F 27 -14.05 12.46 -31.30
CA LYS F 27 -13.70 13.43 -32.33
C LYS F 27 -13.50 14.79 -31.68
N THR F 28 -12.47 15.50 -32.11
CA THR F 28 -12.17 16.84 -31.58
C THR F 28 -11.67 17.69 -32.75
N ASN F 29 -12.60 18.41 -33.38
CA ASN F 29 -12.28 19.29 -34.50
C ASN F 29 -12.37 20.75 -34.06
N MET F 30 -11.27 21.47 -34.20
CA MET F 30 -11.12 22.84 -33.76
C MET F 30 -10.67 23.69 -34.93
N LYS F 31 -11.20 24.91 -35.03
CA LYS F 31 -10.80 25.78 -36.13
C LYS F 31 -11.01 27.24 -35.75
N HIS F 32 -10.27 28.11 -36.43
CA HIS F 32 -10.39 29.56 -36.29
C HIS F 32 -10.10 30.02 -34.86
N MET F 33 -8.90 29.72 -34.38
CA MET F 33 -8.40 30.30 -33.15
C MET F 33 -7.55 31.52 -33.46
N ALA F 34 -7.37 32.37 -32.46
CA ALA F 34 -6.72 33.66 -32.66
C ALA F 34 -5.48 33.85 -31.82
N GLY F 35 -5.53 33.55 -30.53
CA GLY F 35 -4.51 33.95 -29.60
C GLY F 35 -3.68 32.81 -29.03
N ALA F 36 -2.78 33.19 -28.12
CA ALA F 36 -1.85 32.26 -27.52
C ALA F 36 -2.57 31.30 -26.58
N ALA F 37 -1.88 30.21 -26.24
CA ALA F 37 -2.44 29.20 -25.35
C ALA F 37 -1.28 28.44 -24.70
N ALA F 38 -1.07 28.68 -23.41
CA ALA F 38 -0.07 27.95 -22.65
C ALA F 38 -0.69 26.72 -22.01
N ALA F 39 0.16 25.81 -21.55
CA ALA F 39 -0.30 24.58 -20.91
C ALA F 39 0.88 23.90 -20.25
N GLY F 40 0.66 23.38 -19.05
CA GLY F 40 1.70 22.67 -18.33
C GLY F 40 1.85 21.23 -18.78
N ALA F 41 0.74 20.52 -18.82
CA ALA F 41 0.73 19.13 -19.27
C ALA F 41 -0.61 18.84 -19.94
N VAL F 42 -0.57 18.55 -21.24
CA VAL F 42 -1.77 18.18 -21.99
C VAL F 42 -1.70 16.68 -22.23
N VAL F 43 -2.71 15.96 -21.77
CA VAL F 43 -2.77 14.51 -21.89
C VAL F 43 -4.09 14.17 -22.58
N GLY F 44 -4.01 13.80 -23.85
CA GLY F 44 -5.20 13.46 -24.60
C GLY F 44 -5.37 11.97 -24.76
N GLY F 45 -4.34 11.20 -24.44
CA GLY F 45 -4.40 9.76 -24.55
C GLY F 45 -4.38 9.06 -23.21
N LEU F 46 -3.23 8.47 -22.87
CA LEU F 46 -3.04 7.82 -21.59
C LEU F 46 -1.72 8.28 -21.01
N GLY F 47 -1.74 8.70 -19.75
CA GLY F 47 -0.54 9.17 -19.10
C GLY F 47 -0.44 8.66 -17.68
N GLY F 48 0.80 8.59 -17.20
CA GLY F 48 1.08 8.19 -15.84
C GLY F 48 2.41 8.73 -15.39
N TYR F 49 2.42 9.44 -14.26
CA TYR F 49 3.60 10.14 -13.78
C TYR F 49 4.18 11.04 -14.88
N VAL F 50 3.37 12.01 -15.29
CA VAL F 50 3.73 12.97 -16.31
C VAL F 50 3.88 14.32 -15.65
N LEU F 51 5.07 14.90 -15.73
CA LEU F 51 5.34 16.22 -15.19
C LEU F 51 5.71 17.14 -16.34
N GLY F 52 5.06 18.29 -16.40
CA GLY F 52 5.33 19.25 -17.45
C GLY F 52 5.21 20.65 -16.90
N SER F 53 5.98 21.57 -17.49
CA SER F 53 5.97 22.95 -17.05
C SER F 53 6.35 23.83 -18.23
N ALA F 54 5.60 24.91 -18.42
CA ALA F 54 5.78 25.78 -19.57
C ALA F 54 5.95 27.22 -19.10
N MET F 55 6.65 28.00 -19.91
CA MET F 55 6.97 29.38 -19.60
C MET F 55 7.01 30.14 -20.92
N SER F 56 6.24 31.22 -21.02
CA SER F 56 6.15 31.90 -22.30
C SER F 56 5.75 33.36 -22.10
N ARG F 57 6.40 34.25 -22.84
CA ARG F 57 5.98 35.64 -22.97
C ARG F 57 5.98 35.94 -24.46
N PRO F 58 4.90 35.57 -25.16
CA PRO F 58 4.84 35.85 -26.61
C PRO F 58 4.14 37.16 -26.90
N ILE F 59 4.61 37.84 -27.94
CA ILE F 59 4.02 39.07 -28.42
C ILE F 59 3.49 38.80 -29.82
N ILE F 60 2.18 38.89 -29.99
CA ILE F 60 1.53 38.60 -31.26
C ILE F 60 0.82 39.87 -31.72
N HIS F 61 1.07 40.26 -32.96
CA HIS F 61 0.50 41.47 -33.54
C HIS F 61 -0.11 41.15 -34.89
N PHE F 62 -1.19 41.83 -35.22
CA PHE F 62 -1.84 41.64 -36.52
C PHE F 62 -1.83 42.93 -37.33
N GLY G 1 1.39 42.05 -2.50
CA GLY G 1 1.90 40.77 -2.98
C GLY G 1 0.95 39.61 -2.73
N TRP G 2 0.79 38.76 -3.73
CA TRP G 2 -0.11 37.62 -3.66
C TRP G 2 0.65 36.40 -3.16
N GLY G 3 -0.02 35.25 -3.14
CA GLY G 3 0.60 34.02 -2.68
C GLY G 3 -0.37 33.00 -2.15
N GLN G 4 -0.13 31.71 -2.46
CA GLN G 4 -1.02 30.66 -2.00
C GLN G 4 -0.27 29.36 -1.75
N PRO G 5 0.50 29.27 -0.67
CA PRO G 5 1.17 28.00 -0.34
C PRO G 5 0.17 26.92 0.00
N HIS G 6 0.54 25.68 -0.29
CA HIS G 6 -0.34 24.53 -0.10
C HIS G 6 0.25 23.55 0.91
N GLY G 7 -0.60 22.67 1.41
CA GLY G 7 -0.24 21.75 2.48
C GLY G 7 0.55 20.57 1.92
N GLY G 8 1.01 19.70 2.81
CA GLY G 8 1.87 18.59 2.44
C GLY G 8 1.13 17.45 1.78
N GLY G 9 1.56 16.22 2.07
CA GLY G 9 0.99 15.06 1.42
C GLY G 9 -0.50 14.91 1.67
N TRP G 10 -1.23 14.70 0.58
CA TRP G 10 -2.63 14.30 0.62
C TRP G 10 -2.78 12.99 -0.15
N GLY G 11 -3.98 12.43 -0.09
CA GLY G 11 -4.24 11.20 -0.82
C GLY G 11 -4.89 10.13 0.04
N GLN G 12 -5.51 9.16 -0.61
CA GLN G 12 -6.22 8.11 0.11
C GLN G 12 -5.27 7.32 0.98
N GLY G 13 -5.66 7.10 2.23
CA GLY G 13 -4.88 6.29 3.14
C GLY G 13 -5.78 5.43 4.01
N GLY G 14 -7.00 5.20 3.54
CA GLY G 14 -8.00 4.52 4.34
C GLY G 14 -8.69 3.37 3.63
N GLY G 15 -10.02 3.42 3.57
CA GLY G 15 -10.80 2.29 3.11
C GLY G 15 -11.04 2.23 1.61
N THR G 16 -12.31 2.20 1.22
CA THR G 16 -12.70 1.94 -0.16
C THR G 16 -13.41 3.16 -0.73
N HIS G 17 -13.08 3.49 -1.99
CA HIS G 17 -13.70 4.62 -2.69
C HIS G 17 -13.97 4.19 -4.12
N SER G 18 -15.23 4.17 -4.50
CA SER G 18 -15.66 3.74 -5.83
C SER G 18 -16.47 4.83 -6.49
N GLN G 19 -16.26 5.04 -7.80
CA GLN G 19 -16.92 6.10 -8.53
C GLN G 19 -17.35 5.60 -9.89
N TRP G 20 -18.66 5.51 -10.11
CA TRP G 20 -19.24 5.26 -11.42
C TRP G 20 -19.77 6.57 -11.97
N ASN G 21 -19.73 6.73 -13.29
CA ASN G 21 -20.14 7.99 -13.91
C ASN G 21 -20.55 7.64 -15.34
N LYS G 22 -21.86 7.54 -15.58
CA LYS G 22 -22.41 7.13 -16.86
C LYS G 22 -23.55 8.06 -17.27
N PRO G 23 -23.25 9.26 -17.74
CA PRO G 23 -24.30 10.13 -18.27
C PRO G 23 -24.81 9.62 -19.60
N SER G 24 -26.00 10.08 -19.99
CA SER G 24 -26.64 9.55 -21.19
C SER G 24 -26.26 10.35 -22.43
N LYS G 25 -26.62 11.63 -22.50
CA LYS G 25 -26.33 12.48 -23.64
C LYS G 25 -26.13 13.92 -23.18
N PRO G 26 -25.14 14.17 -22.33
CA PRO G 26 -24.94 15.54 -21.83
C PRO G 26 -24.48 16.46 -22.95
N LYS G 27 -25.18 17.59 -23.09
CA LYS G 27 -24.84 18.59 -24.10
C LYS G 27 -24.63 19.92 -23.38
N THR G 28 -23.64 20.69 -23.83
CA THR G 28 -23.30 21.98 -23.22
C THR G 28 -22.92 22.94 -24.35
N ASN G 29 -23.89 23.72 -24.81
CA ASN G 29 -23.67 24.69 -25.87
C ASN G 29 -23.52 26.07 -25.27
N MET G 30 -22.36 26.68 -25.47
CA MET G 30 -22.07 28.02 -25.00
C MET G 30 -21.55 28.86 -26.16
N LYS G 31 -22.05 30.09 -26.27
CA LYS G 31 -21.59 30.95 -27.35
C LYS G 31 -21.75 32.40 -26.94
N HIS G 32 -20.99 33.27 -27.62
CA HIS G 32 -21.07 34.72 -27.44
C HIS G 32 -20.74 35.12 -25.99
N MET G 33 -19.52 34.84 -25.59
CA MET G 33 -18.99 35.28 -24.31
C MET G 33 -18.25 36.60 -24.49
N ALA G 34 -18.01 37.28 -23.36
CA ALA G 34 -17.49 38.64 -23.39
C ALA G 34 -16.14 38.78 -22.70
N GLY G 35 -16.00 38.35 -21.46
CA GLY G 35 -14.87 38.70 -20.65
C GLY G 35 -14.15 37.51 -20.02
N ALA G 36 -13.25 37.85 -19.09
CA ALA G 36 -12.37 36.89 -18.46
C ALA G 36 -13.15 35.95 -17.54
N ALA G 37 -12.56 34.78 -17.29
CA ALA G 37 -13.18 33.78 -16.43
C ALA G 37 -12.06 32.91 -15.84
N ALA G 38 -11.75 33.11 -14.57
CA ALA G 38 -10.78 32.30 -13.88
C ALA G 38 -11.45 31.11 -13.21
N ALA G 39 -10.64 30.13 -12.82
CA ALA G 39 -11.15 28.93 -12.19
C ALA G 39 -10.00 28.18 -11.53
N GLY G 40 -10.27 27.57 -10.39
CA GLY G 40 -9.26 26.81 -9.68
C GLY G 40 -9.15 25.39 -10.18
N ALA G 41 -10.27 24.68 -10.21
CA ALA G 41 -10.32 23.31 -10.71
C ALA G 41 -11.65 23.08 -11.39
N VAL G 42 -11.63 22.83 -12.69
CA VAL G 42 -12.84 22.52 -13.45
C VAL G 42 -12.82 21.03 -13.74
N VAL G 43 -13.86 20.33 -13.31
CA VAL G 43 -13.98 18.90 -13.49
C VAL G 43 -15.30 18.63 -14.20
N GLY G 44 -15.22 18.37 -15.51
CA GLY G 44 -16.41 18.09 -16.28
C GLY G 44 -16.63 16.61 -16.49
N GLY G 45 -15.63 15.80 -16.18
CA GLY G 45 -15.73 14.37 -16.37
C GLY G 45 -15.74 13.61 -15.05
N LEU G 46 -14.61 12.99 -14.72
CA LEU G 46 -14.44 12.27 -13.47
C LEU G 46 -13.10 12.65 -12.86
N GLY G 47 -13.12 12.99 -11.58
CA GLY G 47 -11.92 13.41 -10.90
C GLY G 47 -11.83 12.84 -9.51
N GLY G 48 -10.60 12.71 -9.03
CA GLY G 48 -10.34 12.28 -7.68
C GLY G 48 -8.99 12.78 -7.21
N TYR G 49 -8.95 13.46 -6.07
CA TYR G 49 -7.75 14.10 -5.58
C TYR G 49 -7.16 15.03 -6.62
N VAL G 50 -7.96 16.02 -7.01
CA VAL G 50 -7.59 17.02 -8.00
C VAL G 50 -7.37 18.34 -7.28
N LEU G 51 -6.17 18.89 -7.39
CA LEU G 51 -5.82 20.16 -6.76
C LEU G 51 -5.44 21.14 -7.85
N GLY G 52 -6.10 22.29 -7.85
CA GLY G 52 -5.81 23.31 -8.84
C GLY G 52 -5.84 24.68 -8.20
N SER G 53 -5.02 25.58 -8.73
CA SER G 53 -4.94 26.93 -8.21
C SER G 53 -4.48 27.85 -9.34
N ALA G 54 -5.21 28.93 -9.54
CA ALA G 54 -4.94 29.86 -10.64
C ALA G 54 -4.89 31.27 -10.11
N MET G 55 -3.93 32.04 -10.62
CA MET G 55 -3.78 33.45 -10.32
C MET G 55 -3.67 34.20 -11.64
N SER G 56 -4.51 35.20 -11.83
CA SER G 56 -4.51 35.91 -13.11
C SER G 56 -4.95 37.35 -12.91
N ARG G 57 -4.26 38.26 -13.58
CA ARG G 57 -4.66 39.66 -13.67
C ARG G 57 -4.62 40.02 -15.14
N PRO G 58 -5.71 39.77 -15.87
CA PRO G 58 -5.74 40.13 -17.29
C PRO G 58 -6.37 41.50 -17.53
N ILE G 59 -5.90 42.16 -18.58
CA ILE G 59 -6.45 43.44 -19.02
C ILE G 59 -6.94 43.25 -20.44
N ILE G 60 -8.24 43.38 -20.64
CA ILE G 60 -8.87 43.19 -21.95
C ILE G 60 -9.55 44.48 -22.35
N HIS G 61 -9.25 44.94 -23.56
CA HIS G 61 -9.80 46.19 -24.08
C HIS G 61 -10.36 45.95 -25.47
N PHE G 62 -11.42 46.66 -25.81
CA PHE G 62 -12.01 46.55 -27.14
C PHE G 62 -11.92 47.88 -27.88
N GLY H 1 4.94 41.05 -5.62
CA GLY H 1 5.52 39.75 -5.90
C GLY H 1 4.55 38.60 -5.67
N TRP H 2 4.45 37.71 -6.66
CA TRP H 2 3.56 36.56 -6.62
C TRP H 2 4.33 35.35 -6.10
N GLY H 3 3.68 34.19 -6.19
CA GLY H 3 4.29 32.95 -5.76
C GLY H 3 3.32 31.93 -5.22
N GLN H 4 3.52 30.65 -5.53
CA GLN H 4 2.61 29.62 -5.05
C GLN H 4 3.33 28.30 -4.80
N PRO H 5 4.10 28.21 -3.73
CA PRO H 5 4.81 26.95 -3.43
C PRO H 5 3.85 25.83 -3.12
N HIS H 6 4.25 24.62 -3.50
CA HIS H 6 3.52 23.40 -3.19
C HIS H 6 4.38 22.51 -2.34
N GLY H 7 3.76 21.79 -1.41
CA GLY H 7 4.49 21.02 -0.42
C GLY H 7 4.71 19.60 -0.92
N GLY H 8 5.12 18.72 0.00
CA GLY H 8 5.76 17.46 -0.35
C GLY H 8 4.94 16.42 -1.05
N GLY H 9 5.43 15.17 -0.99
CA GLY H 9 4.86 14.11 -1.79
C GLY H 9 3.46 13.74 -1.37
N TRP H 10 2.57 13.68 -2.35
CA TRP H 10 1.22 13.18 -2.19
C TRP H 10 1.11 11.82 -2.87
N GLY H 11 -0.10 11.27 -2.87
CA GLY H 11 -0.31 10.01 -3.54
C GLY H 11 -0.99 8.96 -2.70
N GLN H 12 -1.61 7.98 -3.36
CA GLN H 12 -2.32 6.92 -2.65
C GLN H 12 -1.36 6.14 -1.77
N GLY H 13 -1.75 5.92 -0.51
CA GLY H 13 -0.97 5.14 0.40
C GLY H 13 -1.84 4.26 1.27
N GLY H 14 -3.05 3.97 0.81
CA GLY H 14 -4.03 3.26 1.61
C GLY H 14 -4.73 2.13 0.91
N GLY H 15 -6.05 2.18 0.89
CA GLY H 15 -6.85 1.04 0.45
C GLY H 15 -7.12 0.97 -1.05
N THR H 16 -8.39 0.93 -1.42
CA THR H 16 -8.80 0.67 -2.79
C THR H 16 -9.51 1.89 -3.36
N HIS H 17 -9.22 2.21 -4.61
CA HIS H 17 -9.84 3.34 -5.30
C HIS H 17 -10.13 2.89 -6.74
N SER H 18 -11.42 2.82 -7.08
CA SER H 18 -11.86 2.36 -8.39
C SER H 18 -12.67 3.45 -9.07
N GLN H 19 -12.45 3.62 -10.37
CA GLN H 19 -13.10 4.67 -11.13
C GLN H 19 -13.54 4.12 -12.48
N TRP H 20 -14.86 4.06 -12.70
CA TRP H 20 -15.44 3.73 -13.99
C TRP H 20 -16.02 5.00 -14.60
N ASN H 21 -15.92 5.14 -15.91
CA ASN H 21 -16.31 6.39 -16.57
C ASN H 21 -16.73 6.02 -17.99
N LYS H 22 -18.04 5.90 -18.20
CA LYS H 22 -18.60 5.45 -19.48
C LYS H 22 -19.73 6.37 -19.93
N PRO H 23 -19.41 7.59 -20.34
CA PRO H 23 -20.44 8.44 -20.96
C PRO H 23 -20.79 7.92 -22.34
N SER H 24 -22.01 8.21 -22.78
CA SER H 24 -22.46 7.65 -24.04
C SER H 24 -22.16 8.57 -25.22
N LYS H 25 -22.77 9.76 -25.24
CA LYS H 25 -22.56 10.72 -26.34
C LYS H 25 -22.48 12.13 -25.78
N PRO H 26 -21.43 12.43 -25.01
CA PRO H 26 -21.27 13.81 -24.54
C PRO H 26 -20.80 14.72 -25.67
N LYS H 27 -21.47 15.85 -25.81
CA LYS H 27 -21.12 16.84 -26.82
C LYS H 27 -20.92 18.19 -26.14
N THR H 28 -19.90 18.92 -26.60
CA THR H 28 -19.58 20.23 -26.02
C THR H 28 -19.13 21.14 -27.16
N ASN H 29 -20.07 21.91 -27.70
CA ASN H 29 -19.79 22.85 -28.77
C ASN H 29 -19.74 24.27 -28.23
N MET H 30 -18.62 24.94 -28.46
CA MET H 30 -18.38 26.28 -27.97
C MET H 30 -17.90 27.14 -29.14
N LYS H 31 -18.39 28.38 -29.20
CA LYS H 31 -17.96 29.27 -30.26
C LYS H 31 -18.13 30.71 -29.84
N HIS H 32 -17.38 31.60 -30.51
CA HIS H 32 -17.48 33.04 -30.33
C HIS H 32 -17.21 33.47 -28.89
N MET H 33 -15.98 33.21 -28.45
CA MET H 33 -15.49 33.76 -27.21
C MET H 33 -14.58 34.96 -27.48
N ALA H 34 -14.39 35.79 -26.47
CA ALA H 34 -13.65 37.03 -26.63
C ALA H 34 -12.40 37.11 -25.78
N GLY H 35 -12.50 36.86 -24.46
CA GLY H 35 -11.46 37.19 -23.53
C GLY H 35 -10.69 36.00 -22.99
N ALA H 36 -9.77 36.34 -22.08
CA ALA H 36 -8.87 35.36 -21.49
C ALA H 36 -9.61 34.42 -20.56
N ALA H 37 -8.98 33.28 -20.27
CA ALA H 37 -9.58 32.27 -19.41
C ALA H 37 -8.45 31.44 -18.80
N ALA H 38 -8.21 31.62 -17.51
CA ALA H 38 -7.22 30.83 -16.79
C ALA H 38 -7.88 29.62 -16.15
N ALA H 39 -7.05 28.67 -15.72
CA ALA H 39 -7.55 27.46 -15.08
C ALA H 39 -6.38 26.71 -14.45
N GLY H 40 -6.60 26.19 -13.26
CA GLY H 40 -5.57 25.44 -12.56
C GLY H 40 -5.47 24.01 -13.04
N ALA H 41 -6.60 23.30 -13.05
CA ALA H 41 -6.66 21.93 -13.54
C ALA H 41 -7.99 21.73 -14.24
N VAL H 42 -7.94 21.31 -15.50
CA VAL H 42 -9.13 20.99 -16.28
C VAL H 42 -9.10 19.50 -16.56
N VAL H 43 -10.12 18.79 -16.11
CA VAL H 43 -10.22 17.35 -16.27
C VAL H 43 -11.53 17.07 -16.99
N GLY H 44 -11.45 16.82 -18.30
CA GLY H 44 -12.63 16.52 -19.08
C GLY H 44 -12.85 15.03 -19.26
N GLY H 45 -11.84 14.24 -18.91
CA GLY H 45 -11.95 12.81 -19.05
C GLY H 45 -11.95 12.09 -17.71
N LEU H 46 -10.84 11.44 -17.39
CA LEU H 46 -10.67 10.76 -16.12
C LEU H 46 -9.33 11.19 -15.54
N GLY H 47 -9.33 11.59 -14.26
CA GLY H 47 -8.12 12.02 -13.61
C GLY H 47 -8.01 11.49 -12.20
N GLY H 48 -6.77 11.39 -11.74
CA GLY H 48 -6.49 10.98 -10.38
C GLY H 48 -5.15 11.50 -9.93
N TYR H 49 -5.11 12.19 -8.79
CA TYR H 49 -3.92 12.88 -8.32
C TYR H 49 -3.33 13.76 -9.42
N VAL H 50 -4.12 14.75 -9.82
CA VAL H 50 -3.73 15.73 -10.82
C VAL H 50 -3.59 17.08 -10.11
N LEU H 51 -2.39 17.65 -10.14
CA LEU H 51 -2.14 18.95 -9.54
C LEU H 51 -1.75 19.90 -10.65
N GLY H 52 -2.38 21.07 -10.68
CA GLY H 52 -2.08 22.05 -11.71
C GLY H 52 -2.04 23.43 -11.11
N SER H 53 -1.18 24.27 -11.69
CA SER H 53 -1.03 25.65 -11.22
C SER H 53 -0.80 26.53 -12.43
N ALA H 54 -1.52 27.65 -12.50
CA ALA H 54 -1.42 28.56 -13.62
C ALA H 54 -1.27 29.99 -13.13
N MET H 55 -0.52 30.77 -13.90
CA MET H 55 -0.29 32.18 -13.61
C MET H 55 -0.29 32.91 -14.94
N SER H 56 -0.99 34.03 -15.00
CA SER H 56 -1.07 34.74 -16.27
C SER H 56 -1.42 36.20 -16.03
N ARG H 57 -0.72 37.09 -16.74
CA ARG H 57 -1.07 38.51 -16.83
C ARG H 57 -1.07 38.84 -18.32
N PRO H 58 -2.12 38.48 -19.03
CA PRO H 58 -2.18 38.79 -20.46
C PRO H 58 -2.84 40.13 -20.73
N ILE H 59 -2.37 40.80 -21.78
CA ILE H 59 -2.94 42.06 -22.23
C ILE H 59 -3.46 41.83 -23.65
N ILE H 60 -4.77 41.94 -23.81
CA ILE H 60 -5.43 41.68 -25.08
C ILE H 60 -6.10 42.96 -25.52
N HIS H 61 -5.84 43.38 -26.76
CA HIS H 61 -6.37 44.61 -27.30
C HIS H 61 -7.00 44.34 -28.66
N PHE H 62 -8.07 45.07 -28.98
CA PHE H 62 -8.72 44.92 -30.27
C PHE H 62 -8.70 46.23 -31.05
N GLY I 1 8.38 39.73 -8.87
CA GLY I 1 8.96 38.41 -9.10
C GLY I 1 7.98 37.27 -8.88
N TRP I 2 7.96 36.33 -9.81
CA TRP I 2 7.05 35.19 -9.77
C TRP I 2 7.79 33.97 -9.25
N GLY I 3 7.12 32.83 -9.26
CA GLY I 3 7.73 31.60 -8.79
C GLY I 3 6.75 30.57 -8.27
N GLN I 4 7.01 29.30 -8.54
CA GLN I 4 6.13 28.23 -8.07
C GLN I 4 6.90 26.96 -7.76
N PRO I 5 7.70 26.95 -6.70
CA PRO I 5 8.45 25.73 -6.36
C PRO I 5 7.52 24.59 -6.00
N HIS I 6 7.89 23.39 -6.43
CA HIS I 6 7.19 22.16 -6.09
C HIS I 6 8.12 21.27 -5.28
N GLY I 7 7.56 20.56 -4.31
CA GLY I 7 8.36 19.79 -3.37
C GLY I 7 8.53 18.35 -3.86
N GLY I 8 8.99 17.49 -2.97
CA GLY I 8 9.60 16.22 -3.31
C GLY I 8 8.72 15.16 -3.92
N GLY I 9 9.17 13.91 -3.79
CA GLY I 9 8.58 12.82 -4.56
C GLY I 9 7.18 12.45 -4.12
N TRP I 10 6.26 12.55 -5.06
CA TRP I 10 4.91 12.04 -4.93
C TRP I 10 4.84 10.66 -5.58
N GLY I 11 3.64 10.08 -5.60
CA GLY I 11 3.47 8.81 -6.26
C GLY I 11 2.85 7.74 -5.37
N GLN I 12 2.25 6.73 -5.98
CA GLN I 12 1.56 5.69 -5.23
C GLN I 12 2.53 4.93 -4.34
N GLY I 13 2.15 4.74 -3.09
CA GLY I 13 2.93 3.96 -2.16
C GLY I 13 2.06 3.09 -1.29
N GLY I 14 0.86 2.75 -1.79
CA GLY I 14 -0.12 2.05 -1.00
C GLY I 14 -0.78 0.87 -1.67
N GLY I 15 -2.11 0.88 -1.74
CA GLY I 15 -2.86 -0.27 -2.17
C GLY I 15 -3.15 -0.35 -3.66
N THR I 16 -4.43 -0.38 -4.00
CA THR I 16 -4.87 -0.66 -5.37
C THR I 16 -5.58 0.55 -5.95
N HIS I 17 -5.33 0.80 -7.24
CA HIS I 17 -5.96 1.92 -7.95
C HIS I 17 -6.24 1.44 -9.37
N SER I 18 -7.51 1.44 -9.76
CA SER I 18 -7.93 0.96 -11.07
C SER I 18 -8.78 2.02 -11.74
N GLN I 19 -8.59 2.18 -13.05
CA GLN I 19 -9.28 3.23 -13.81
C GLN I 19 -9.72 2.68 -15.15
N TRP I 20 -11.03 2.65 -15.37
CA TRP I 20 -11.62 2.32 -16.67
C TRP I 20 -12.22 3.58 -17.26
N ASN I 21 -12.09 3.75 -18.57
CA ASN I 21 -12.51 4.99 -19.22
C ASN I 21 -12.91 4.60 -20.65
N LYS I 22 -14.22 4.40 -20.87
CA LYS I 22 -14.74 3.93 -22.15
C LYS I 22 -15.92 4.78 -22.60
N PRO I 23 -15.67 6.01 -23.07
CA PRO I 23 -16.74 6.78 -23.70
C PRO I 23 -17.05 6.22 -25.08
N SER I 24 -18.26 6.49 -25.56
CA SER I 24 -18.66 5.93 -26.85
C SER I 24 -18.39 6.90 -28.00
N LYS I 25 -19.04 8.06 -28.00
CA LYS I 25 -18.87 9.03 -29.08
C LYS I 25 -18.78 10.44 -28.51
N PRO I 26 -17.71 10.74 -27.77
CA PRO I 26 -17.52 12.12 -27.30
C PRO I 26 -17.08 13.03 -28.45
N LYS I 27 -17.77 14.15 -28.59
CA LYS I 27 -17.45 15.13 -29.61
C LYS I 27 -17.25 16.48 -28.94
N THR I 28 -16.22 17.21 -29.38
CA THR I 28 -15.91 18.53 -28.83
C THR I 28 -15.43 19.41 -29.99
N ASN I 29 -16.37 20.15 -30.58
CA ASN I 29 -16.08 21.06 -31.67
C ASN I 29 -16.11 22.51 -31.17
N MET I 30 -14.99 23.20 -31.31
CA MET I 30 -14.84 24.58 -30.86
C MET I 30 -14.34 25.41 -32.03
N LYS I 31 -14.87 26.63 -32.15
CA LYS I 31 -14.45 27.49 -33.25
C LYS I 31 -14.60 28.95 -32.85
N HIS I 32 -13.88 29.81 -33.57
CA HIS I 32 -13.97 31.25 -33.42
C HIS I 32 -13.63 31.69 -31.99
N MET I 33 -12.39 31.44 -31.61
CA MET I 33 -11.85 31.94 -30.35
C MET I 33 -11.06 33.22 -30.62
N ALA I 34 -10.88 34.02 -29.56
CA ALA I 34 -10.25 35.32 -29.70
C ALA I 34 -9.00 35.49 -28.85
N GLY I 35 -9.05 35.14 -27.56
CA GLY I 35 -8.02 35.53 -26.63
C GLY I 35 -7.20 34.38 -26.07
N ALA I 36 -6.29 34.75 -25.18
CA ALA I 36 -5.36 33.82 -24.58
C ALA I 36 -6.08 32.88 -23.61
N ALA I 37 -5.46 31.75 -23.33
CA ALA I 37 -6.04 30.74 -22.44
C ALA I 37 -4.90 29.93 -21.82
N ALA I 38 -4.61 30.19 -20.56
CA ALA I 38 -3.61 29.42 -19.84
C ALA I 38 -4.26 28.25 -19.14
N ALA I 39 -3.43 27.30 -18.71
CA ALA I 39 -3.92 26.09 -18.04
C ALA I 39 -2.75 25.37 -17.39
N GLY I 40 -2.98 24.82 -16.20
CA GLY I 40 -1.95 24.10 -15.50
C GLY I 40 -1.84 22.66 -15.94
N ALA I 41 -2.97 21.94 -15.94
CA ALA I 41 -3.02 20.57 -16.38
C ALA I 41 -4.35 20.33 -17.08
N VAL I 42 -4.29 19.97 -18.36
CA VAL I 42 -5.47 19.61 -19.12
C VAL I 42 -5.42 18.11 -19.38
N VAL I 43 -6.43 17.40 -18.92
CA VAL I 43 -6.51 15.95 -19.08
C VAL I 43 -7.82 15.64 -19.77
N GLY I 44 -7.75 15.39 -21.07
CA GLY I 44 -8.94 15.08 -21.84
C GLY I 44 -9.17 13.59 -22.00
N GLY I 45 -8.15 12.80 -21.70
CA GLY I 45 -8.26 11.36 -21.84
C GLY I 45 -8.23 10.64 -20.50
N LEU I 46 -7.09 10.05 -20.16
CA LEU I 46 -6.89 9.37 -18.89
C LEU I 46 -5.57 9.83 -18.30
N GLY I 47 -5.58 10.15 -17.01
CA GLY I 47 -4.38 10.62 -16.35
C GLY I 47 -4.27 10.05 -14.95
N GLY I 48 -3.04 10.01 -14.47
CA GLY I 48 -2.75 9.60 -13.11
C GLY I 48 -1.39 10.11 -12.68
N TYR I 49 -1.34 10.79 -11.54
CA TYR I 49 -0.14 11.46 -11.08
C TYR I 49 0.41 12.39 -12.16
N VAL I 50 -0.41 13.36 -12.53
CA VAL I 50 -0.08 14.33 -13.56
C VAL I 50 0.14 15.67 -12.88
N LEU I 51 1.35 16.20 -13.01
CA LEU I 51 1.71 17.49 -12.45
C LEU I 51 2.00 18.46 -13.59
N GLY I 52 1.31 19.58 -13.60
CA GLY I 52 1.50 20.58 -14.62
C GLY I 52 1.53 21.96 -13.98
N SER I 53 2.20 22.89 -14.65
CA SER I 53 2.35 24.24 -14.12
C SER I 53 2.73 25.17 -15.26
N ALA I 54 2.00 26.26 -15.38
CA ALA I 54 2.18 27.18 -16.50
C ALA I 54 2.32 28.61 -16.00
N MET I 55 3.20 29.36 -16.65
CA MET I 55 3.43 30.77 -16.38
C MET I 55 3.49 31.48 -17.72
N SER I 56 2.71 32.54 -17.88
CA SER I 56 2.66 33.20 -19.18
C SER I 56 2.22 34.65 -19.00
N ARG I 57 2.87 35.55 -19.74
CA ARG I 57 2.44 36.94 -19.84
C ARG I 57 2.45 37.26 -21.33
N PRO I 58 1.37 36.95 -22.04
CA PRO I 58 1.31 37.26 -23.48
C PRO I 58 0.65 38.59 -23.74
N ILE I 59 1.07 39.22 -24.84
CA ILE I 59 0.47 40.46 -25.31
C ILE I 59 -0.03 40.22 -26.72
N ILE I 60 -1.35 40.33 -26.91
CA ILE I 60 -1.97 40.09 -28.20
C ILE I 60 -2.67 41.36 -28.63
N HIS I 61 -2.40 41.80 -29.85
CA HIS I 61 -2.97 43.03 -30.39
C HIS I 61 -3.52 42.74 -31.78
N PHE I 62 -4.59 43.43 -32.14
CA PHE I 62 -5.19 43.28 -33.47
C PHE I 62 -5.10 44.58 -34.25
N GLY J 1 15.44 37.32 -15.11
CA GLY J 1 16.04 36.02 -15.32
C GLY J 1 15.08 34.87 -15.09
N TRP J 2 15.15 33.86 -15.95
CA TRP J 2 14.29 32.69 -15.87
C TRP J 2 15.08 31.49 -15.35
N GLY J 3 14.43 30.34 -15.33
CA GLY J 3 15.09 29.12 -14.92
C GLY J 3 14.16 28.13 -14.25
N GLN J 4 14.25 26.86 -14.63
CA GLN J 4 13.36 25.84 -14.09
C GLN J 4 14.14 24.58 -13.73
N PRO J 5 14.96 24.61 -12.69
CA PRO J 5 15.75 23.43 -12.32
C PRO J 5 14.86 22.27 -11.90
N HIS J 6 15.28 21.07 -12.29
CA HIS J 6 14.64 19.83 -11.87
C HIS J 6 15.65 19.01 -11.07
N GLY J 7 15.17 18.27 -10.10
CA GLY J 7 16.03 17.54 -9.19
C GLY J 7 16.29 16.12 -9.68
N GLY J 8 16.84 15.29 -8.81
CA GLY J 8 17.43 14.03 -9.18
C GLY J 8 16.52 12.93 -9.68
N GLY J 9 17.00 11.69 -9.56
CA GLY J 9 16.39 10.57 -10.26
C GLY J 9 15.00 10.25 -9.75
N TRP J 10 14.05 10.20 -10.68
CA TRP J 10 12.71 9.70 -10.48
C TRP J 10 12.58 8.33 -11.14
N GLY J 11 11.41 7.71 -10.97
CA GLY J 11 11.17 6.45 -11.64
C GLY J 11 10.59 5.38 -10.73
N GLN J 12 9.98 4.36 -11.35
CA GLN J 12 9.33 3.30 -10.60
C GLN J 12 10.35 2.54 -9.76
N GLY J 13 10.01 2.31 -8.50
CA GLY J 13 10.82 1.49 -7.62
C GLY J 13 9.98 0.62 -6.72
N GLY J 14 8.76 0.32 -7.15
CA GLY J 14 7.81 -0.38 -6.31
C GLY J 14 7.11 -1.54 -6.98
N GLY J 15 5.77 -1.53 -6.94
CA GLY J 15 4.99 -2.68 -7.34
C GLY J 15 4.68 -2.77 -8.82
N THR J 16 3.40 -2.93 -9.15
CA THR J 16 2.96 -3.23 -10.50
C THR J 16 2.26 -2.03 -11.11
N HIS J 17 2.52 -1.77 -12.39
CA HIS J 17 1.89 -0.68 -13.12
C HIS J 17 1.61 -1.17 -14.54
N SER J 18 0.33 -1.29 -14.89
CA SER J 18 -0.09 -1.80 -16.18
C SER J 18 -0.96 -0.77 -16.88
N GLN J 19 -0.78 -0.62 -18.19
CA GLN J 19 -1.50 0.38 -18.96
C GLN J 19 -1.93 -0.21 -20.29
N TRP J 20 -3.24 -0.33 -20.49
CA TRP J 20 -3.82 -0.70 -21.77
C TRP J 20 -4.46 0.52 -22.40
N ASN J 21 -4.33 0.67 -23.71
CA ASN J 21 -4.76 1.90 -24.39
C ASN J 21 -5.14 1.48 -25.80
N LYS J 22 -6.44 1.27 -26.04
CA LYS J 22 -6.95 0.77 -27.31
C LYS J 22 -8.15 1.59 -27.78
N PRO J 23 -7.93 2.81 -28.25
CA PRO J 23 -9.02 3.54 -28.90
C PRO J 23 -9.33 2.93 -30.25
N SER J 24 -10.57 3.12 -30.70
CA SER J 24 -11.00 2.48 -31.94
C SER J 24 -10.74 3.36 -33.17
N LYS J 25 -11.35 4.53 -33.22
CA LYS J 25 -11.21 5.44 -34.36
C LYS J 25 -11.17 6.89 -33.88
N PRO J 26 -10.14 7.26 -33.12
CA PRO J 26 -10.03 8.67 -32.69
C PRO J 26 -9.64 9.55 -33.87
N LYS J 27 -10.32 10.69 -34.01
CA LYS J 27 -10.02 11.65 -35.05
C LYS J 27 -9.83 13.03 -34.42
N THR J 28 -8.79 13.74 -34.85
CA THR J 28 -8.49 15.08 -34.34
C THR J 28 -7.94 15.90 -35.50
N ASN J 29 -8.81 16.62 -36.18
CA ASN J 29 -8.42 17.47 -37.30
C ASN J 29 -8.62 18.94 -36.93
N MET J 30 -7.55 19.72 -37.06
CA MET J 30 -7.53 21.13 -36.69
C MET J 30 -7.07 21.94 -37.89
N LYS J 31 -7.57 23.16 -38.00
CA LYS J 31 -7.18 24.02 -39.12
C LYS J 31 -7.38 25.47 -38.74
N HIS J 32 -6.70 26.35 -39.48
CA HIS J 32 -6.82 27.79 -39.34
C HIS J 32 -6.47 28.26 -37.94
N MET J 33 -5.21 28.07 -37.58
CA MET J 33 -4.65 28.62 -36.35
C MET J 33 -3.96 29.94 -36.64
N ALA J 34 -3.79 30.74 -35.59
CA ALA J 34 -3.23 32.07 -35.73
C ALA J 34 -1.94 32.28 -34.95
N GLY J 35 -1.93 31.99 -33.65
CA GLY J 35 -0.86 32.40 -32.77
C GLY J 35 -0.08 31.26 -32.16
N ALA J 36 0.85 31.65 -31.29
CA ALA J 36 1.77 30.72 -30.65
C ALA J 36 1.05 29.85 -29.63
N ALA J 37 1.70 28.74 -29.27
CA ALA J 37 1.14 27.80 -28.30
C ALA J 37 2.30 27.01 -27.71
N ALA J 38 2.55 27.21 -26.42
CA ALA J 38 3.58 26.47 -25.70
C ALA J 38 2.95 25.31 -24.93
N ALA J 39 3.79 24.36 -24.54
CA ALA J 39 3.32 23.20 -23.79
C ALA J 39 4.52 22.50 -23.17
N GLY J 40 4.36 22.05 -21.94
CA GLY J 40 5.43 21.35 -21.25
C GLY J 40 5.53 19.90 -21.67
N ALA J 41 4.42 19.17 -21.63
CA ALA J 41 4.38 17.78 -22.04
C ALA J 41 3.06 17.52 -22.74
N VAL J 42 3.13 17.04 -23.98
CA VAL J 42 1.94 16.65 -24.74
C VAL J 42 2.02 15.15 -24.97
N VAL J 43 1.01 14.43 -24.48
CA VAL J 43 0.95 12.98 -24.62
C VAL J 43 -0.35 12.65 -25.32
N GLY J 44 -0.28 12.34 -26.61
CA GLY J 44 -1.46 12.00 -27.37
C GLY J 44 -1.65 10.50 -27.49
N GLY J 45 -0.61 9.74 -27.15
CA GLY J 45 -0.68 8.29 -27.26
C GLY J 45 -0.65 7.61 -25.91
N LEU J 46 0.48 6.99 -25.58
CA LEU J 46 0.68 6.34 -24.30
C LEU J 46 1.99 6.82 -23.70
N GLY J 47 1.95 7.27 -22.46
CA GLY J 47 3.13 7.81 -21.81
C GLY J 47 3.27 7.28 -20.40
N GLY J 48 4.52 7.30 -19.93
CA GLY J 48 4.82 6.94 -18.56
C GLY J 48 6.18 7.46 -18.16
N TYR J 49 6.25 8.15 -17.04
CA TYR J 49 7.47 8.85 -16.61
C TYR J 49 8.00 9.75 -17.72
N VAL J 50 7.19 10.73 -18.08
CA VAL J 50 7.51 11.70 -19.11
C VAL J 50 7.70 13.05 -18.45
N LEU J 51 8.86 13.65 -18.64
CA LEU J 51 9.17 14.97 -18.09
C LEU J 51 9.45 15.91 -19.24
N GLY J 52 8.78 17.04 -19.24
CA GLY J 52 8.97 18.03 -20.30
C GLY J 52 8.96 19.42 -19.70
N SER J 53 9.69 20.32 -20.37
CA SER J 53 9.78 21.70 -19.92
C SER J 53 10.12 22.58 -21.12
N ALA J 54 9.39 23.66 -21.28
CA ALA J 54 9.55 24.53 -22.44
C ALA J 54 9.58 25.99 -22.00
N MET J 55 10.46 26.75 -22.64
CA MET J 55 10.55 28.20 -22.47
C MET J 55 10.57 28.82 -23.86
N SER J 56 9.75 29.84 -24.07
CA SER J 56 9.69 30.46 -25.38
C SER J 56 9.30 31.93 -25.23
N ARG J 57 9.95 32.78 -26.03
CA ARG J 57 9.66 34.22 -26.05
C ARG J 57 9.52 34.66 -27.50
N PRO J 58 8.55 34.12 -28.23
CA PRO J 58 8.45 34.42 -29.66
C PRO J 58 7.76 35.74 -29.93
N ILE J 59 8.14 36.36 -31.04
CA ILE J 59 7.50 37.58 -31.52
C ILE J 59 7.00 37.30 -32.93
N ILE J 60 5.67 37.35 -33.11
CA ILE J 60 5.04 37.05 -34.38
C ILE J 60 4.29 38.29 -34.84
N HIS J 61 4.55 38.70 -36.08
CA HIS J 61 3.93 39.89 -36.65
C HIS J 61 3.37 39.55 -38.02
N PHE J 62 2.26 40.19 -38.38
CA PHE J 62 1.65 39.98 -39.68
C PHE J 62 1.68 41.25 -40.51
#